data_4J20
#
_entry.id   4J20
#
_cell.length_a   94.824
_cell.length_b   33.826
_cell.length_c   47.333
_cell.angle_alpha   90.00
_cell.angle_beta   107.83
_cell.angle_gamma   90.00
#
_symmetry.space_group_name_H-M   'C 1 2 1'
#
loop_
_entity.id
_entity.type
_entity.pdbx_description
1 polymer 'Cytochrome c-555'
2 non-polymer 'SULFATE ION'
3 non-polymer 'ISOPROPYL ALCOHOL'
4 non-polymer 'SODIUM ION'
5 non-polymer 'HEME B/C'
6 water water
#
_entity_poly.entity_id   1
_entity_poly.type   'polypeptide(L)'
_entity_poly.pdbx_seq_one_letter_code
;STYDAAAGKATYDASCATCHKTGMMGAPKVGDKAAWAPRIAQGMNTLVSKSIKGYKGTKGMMPAKGGNAKLTDAQVGNAV
AYMVGQSK
;
_entity_poly.pdbx_strand_id   A,B
#
loop_
_chem_comp.id
_chem_comp.type
_chem_comp.name
_chem_comp.formula
HEB non-polymer 'HEME B/C' 'C34 H34 Fe N4 O4'
IPA non-polymer 'ISOPROPYL ALCOHOL' 'C3 H8 O'
NA non-polymer 'SODIUM ION' 'Na 1'
SO4 non-polymer 'SULFATE ION' 'O4 S -2'
#
# COMPACT_ATOMS: atom_id res chain seq x y z
N SER A 1 18.48 -4.06 4.49
CA SER A 1 18.55 -2.59 4.71
C SER A 1 17.12 -2.07 4.88
N THR A 2 16.76 -1.04 4.13
CA THR A 2 15.50 -0.29 4.40
C THR A 2 14.27 -1.08 3.97
N TYR A 3 13.16 -0.86 4.65
CA TYR A 3 11.95 -1.65 4.38
C TYR A 3 11.39 -1.36 2.98
N ASP A 4 10.81 -2.38 2.38
CA ASP A 4 10.16 -2.26 1.09
C ASP A 4 8.72 -2.76 1.29
N ALA A 5 7.82 -1.87 1.70
CA ALA A 5 6.47 -2.25 2.00
C ALA A 5 5.71 -2.74 0.76
N ALA A 6 6.05 -2.22 -0.41
CA ALA A 6 5.39 -2.70 -1.62
C ALA A 6 5.75 -4.16 -1.91
N ALA A 7 7.04 -4.49 -1.83
CA ALA A 7 7.44 -5.90 -1.98
C ALA A 7 6.86 -6.69 -0.81
N GLY A 8 6.73 -6.07 0.35
CA GLY A 8 6.17 -6.72 1.53
C GLY A 8 4.75 -7.17 1.33
N LYS A 9 3.98 -6.51 0.48
CA LYS A 9 2.57 -6.91 0.30
C LYS A 9 2.46 -8.31 -0.24
N ALA A 10 3.40 -8.77 -1.05
CA ALA A 10 3.30 -10.13 -1.55
C ALA A 10 3.40 -11.11 -0.40
N THR A 11 4.32 -10.88 0.55
CA THR A 11 4.47 -11.77 1.70
C THR A 11 3.25 -11.64 2.59
N TYR A 12 2.80 -10.41 2.81
CA TYR A 12 1.65 -10.20 3.67
C TYR A 12 0.46 -10.98 3.12
N ASP A 13 0.16 -10.84 1.85
CA ASP A 13 -1.00 -11.48 1.28
C ASP A 13 -0.92 -13.00 1.41
N ALA A 14 0.25 -13.57 1.21
CA ALA A 14 0.39 -15.02 1.19
C ALA A 14 0.55 -15.66 2.55
N SER A 15 1.10 -14.92 3.52
CA SER A 15 1.54 -15.54 4.75
C SER A 15 1.00 -14.89 6.02
N CYS A 16 0.35 -13.74 5.94
CA CYS A 16 0.03 -12.96 7.12
C CYS A 16 -1.43 -12.59 7.16
N ALA A 17 -2.00 -12.24 6.02
CA ALA A 17 -3.40 -11.85 5.94
C ALA A 17 -4.30 -12.91 6.51
N THR A 18 -3.93 -14.18 6.40
CA THR A 18 -4.79 -15.22 6.88
C THR A 18 -5.24 -14.96 8.31
N CYS A 19 -4.41 -14.40 9.16
CA CYS A 19 -4.82 -13.97 10.48
C CYS A 19 -5.11 -12.49 10.57
N HIS A 20 -4.31 -11.64 9.93
CA HIS A 20 -4.35 -10.22 10.14
C HIS A 20 -5.35 -9.46 9.27
N LYS A 21 -5.90 -10.09 8.24
CA LYS A 21 -6.88 -9.35 7.43
C LYS A 21 -8.19 -9.15 8.20
N THR A 22 -8.66 -10.16 8.92
CA THR A 22 -9.87 -10.05 9.70
C THR A 22 -9.58 -9.92 11.16
N GLY A 23 -8.35 -10.18 11.58
CA GLY A 23 -8.03 -10.14 13.00
C GLY A 23 -8.45 -11.34 13.75
N MET A 24 -8.23 -12.53 13.23
CA MET A 24 -8.72 -13.68 13.93
C MET A 24 -7.89 -14.06 15.15
N MET A 25 -8.60 -14.57 16.16
CA MET A 25 -7.99 -15.09 17.41
C MET A 25 -6.97 -14.12 17.96
N GLY A 26 -7.35 -12.88 17.96
CA GLY A 26 -6.57 -11.90 18.66
C GLY A 26 -5.58 -11.15 17.76
N ALA A 27 -5.37 -11.53 16.54
CA ALA A 27 -4.38 -10.83 15.70
C ALA A 27 -4.83 -9.40 15.44
N PRO A 28 -3.95 -8.40 15.60
CA PRO A 28 -4.36 -7.06 15.34
C PRO A 28 -4.67 -6.87 13.86
N LYS A 29 -5.88 -6.45 13.57
CA LYS A 29 -6.38 -6.38 12.21
C LYS A 29 -5.70 -5.24 11.47
N VAL A 30 -5.23 -5.49 10.25
CA VAL A 30 -4.64 -4.42 9.44
C VAL A 30 -5.72 -3.37 9.15
N GLY A 31 -5.36 -2.12 9.43
CA GLY A 31 -6.29 -1.00 9.31
C GLY A 31 -7.01 -0.62 10.57
N ASP A 32 -6.87 -1.41 11.63
CA ASP A 32 -7.49 -1.14 12.94
C ASP A 32 -6.59 -0.20 13.72
N LYS A 33 -6.91 1.08 13.68
CA LYS A 33 -6.02 2.12 14.19
C LYS A 33 -5.76 1.99 15.69
N ALA A 34 -6.80 1.70 16.48
CA ALA A 34 -6.63 1.62 17.92
C ALA A 34 -5.80 0.43 18.27
N ALA A 35 -5.98 -0.66 17.55
CA ALA A 35 -5.21 -1.89 17.86
C ALA A 35 -3.74 -1.62 17.58
N TRP A 36 -3.45 -0.89 16.51
CA TRP A 36 -2.08 -0.72 16.06
C TRP A 36 -1.34 0.44 16.75
N ALA A 37 -2.01 1.43 17.29
CA ALA A 37 -1.27 2.61 17.74
C ALA A 37 -0.16 2.31 18.78
N PRO A 38 -0.45 1.56 19.85
CA PRO A 38 0.64 1.36 20.80
C PRO A 38 1.68 0.39 20.24
N ARG A 39 1.31 -0.46 19.24
CA ARG A 39 2.25 -1.38 18.65
C ARG A 39 3.23 -0.63 17.78
N ILE A 40 2.74 0.29 16.97
CA ILE A 40 3.56 1.14 16.13
C ILE A 40 4.58 1.91 16.98
N ALA A 41 4.16 2.35 18.17
CA ALA A 41 5.05 3.12 19.03
C ALA A 41 6.24 2.28 19.54
N GLN A 42 6.16 0.95 19.47
CA GLN A 42 7.29 0.13 19.82
C GLN A 42 8.43 0.31 18.84
N GLY A 43 8.11 0.78 17.61
CA GLY A 43 9.07 0.96 16.54
C GLY A 43 9.25 -0.32 15.73
N MET A 44 9.75 -0.13 14.52
CA MET A 44 9.91 -1.23 13.59
C MET A 44 10.87 -2.27 14.06
N ASN A 45 11.99 -1.91 14.65
CA ASN A 45 12.94 -2.91 15.08
C ASN A 45 12.28 -3.94 15.99
N THR A 46 11.52 -3.48 16.96
CA THR A 46 10.85 -4.38 17.89
C THR A 46 9.73 -5.13 17.18
N LEU A 47 8.91 -4.44 16.36
CA LEU A 47 7.84 -5.17 15.69
C LEU A 47 8.39 -6.30 14.84
N VAL A 48 9.39 -6.01 14.05
CA VAL A 48 9.99 -7.02 13.18
C VAL A 48 10.65 -8.14 14.01
N SER A 49 11.37 -7.79 15.06
CA SER A 49 12.01 -8.81 15.89
CA SER A 49 12.02 -8.81 15.87
C SER A 49 10.99 -9.75 16.49
N LYS A 50 9.89 -9.21 17.00
CA LYS A 50 8.88 -10.06 17.60
CA LYS A 50 8.84 -10.02 17.59
C LYS A 50 8.19 -10.90 16.54
N SER A 51 8.11 -10.38 15.31
CA SER A 51 7.47 -11.11 14.23
C SER A 51 8.35 -12.26 13.77
N ILE A 52 9.67 -12.06 13.75
CA ILE A 52 10.59 -13.13 13.30
C ILE A 52 10.71 -14.16 14.40
N LYS A 53 10.75 -13.74 15.65
CA LYS A 53 10.97 -14.68 16.77
C LYS A 53 9.71 -15.40 17.24
N GLY A 54 8.57 -14.77 17.03
CA GLY A 54 7.29 -15.23 17.59
C GLY A 54 7.13 -14.81 19.00
N TYR A 55 5.88 -14.68 19.46
CA TYR A 55 5.65 -14.41 20.87
C TYR A 55 4.19 -14.61 21.16
N LYS A 56 3.87 -14.72 22.44
CA LYS A 56 2.47 -14.72 22.90
C LYS A 56 2.23 -13.49 23.74
N GLY A 57 1.25 -12.69 23.37
CA GLY A 57 0.94 -11.46 24.10
C GLY A 57 -0.44 -11.47 24.75
N THR A 58 -1.00 -10.31 25.02
CA THR A 58 -2.29 -10.24 25.68
C THR A 58 -3.43 -10.69 24.79
N LYS A 59 -3.18 -10.76 23.48
CA LYS A 59 -4.23 -11.04 22.50
C LYS A 59 -4.20 -12.45 21.95
N GLY A 60 -3.01 -13.00 21.77
CA GLY A 60 -2.91 -14.36 21.24
C GLY A 60 -1.50 -14.74 20.87
N MET A 61 -1.36 -15.71 20.03
CA MET A 61 -0.08 -16.26 19.62
CA MET A 61 -0.07 -16.18 19.66
C MET A 61 0.34 -15.72 18.23
N MET A 62 1.46 -15.01 18.14
CA MET A 62 2.00 -14.53 16.87
C MET A 62 3.15 -15.47 16.51
N PRO A 63 2.90 -16.44 15.61
CA PRO A 63 3.96 -17.46 15.34
C PRO A 63 5.18 -16.88 14.66
N ALA A 64 6.35 -17.40 14.94
CA ALA A 64 7.60 -16.98 14.34
C ALA A 64 7.52 -17.01 12.82
N LYS A 65 7.85 -15.89 12.20
CA LYS A 65 7.77 -15.73 10.74
C LYS A 65 6.40 -16.06 10.20
N GLY A 66 5.37 -15.79 11.01
CA GLY A 66 4.03 -16.11 10.63
C GLY A 66 3.76 -17.57 10.49
N GLY A 67 4.63 -18.40 11.08
CA GLY A 67 4.54 -19.84 10.92
C GLY A 67 5.23 -20.44 9.68
N ASN A 68 5.88 -19.60 8.88
CA ASN A 68 6.52 -20.05 7.65
C ASN A 68 8.00 -19.83 7.72
N ALA A 69 8.73 -20.88 8.08
CA ALA A 69 10.17 -20.81 8.28
C ALA A 69 10.93 -20.59 6.98
N LYS A 70 10.26 -20.74 5.84
CA LYS A 70 10.85 -20.49 4.54
C LYS A 70 10.94 -19.01 4.20
N LEU A 71 10.21 -18.16 4.93
CA LEU A 71 10.33 -16.71 4.75
C LEU A 71 11.67 -16.22 5.23
N THR A 72 12.21 -15.20 4.56
CA THR A 72 13.42 -14.54 5.08
C THR A 72 13.00 -13.46 6.07
N ASP A 73 13.96 -13.00 6.88
CA ASP A 73 13.73 -11.87 7.75
C ASP A 73 13.37 -10.61 6.97
N ALA A 74 13.98 -10.40 5.81
CA ALA A 74 13.68 -9.27 4.99
C ALA A 74 12.21 -9.30 4.55
N GLN A 75 11.74 -10.48 4.13
CA GLN A 75 10.35 -10.61 3.70
C GLN A 75 9.41 -10.32 4.84
N VAL A 76 9.70 -10.87 6.01
CA VAL A 76 8.86 -10.63 7.17
C VAL A 76 8.85 -9.17 7.57
N GLY A 77 10.00 -8.53 7.57
CA GLY A 77 10.03 -7.16 7.95
C GLY A 77 9.34 -6.26 6.91
N ASN A 78 9.46 -6.60 5.62
CA ASN A 78 8.75 -5.85 4.59
C ASN A 78 7.25 -5.98 4.75
N ALA A 79 6.78 -7.18 5.12
CA ALA A 79 5.37 -7.38 5.40
C ALA A 79 4.93 -6.55 6.60
N VAL A 80 5.75 -6.47 7.65
CA VAL A 80 5.41 -5.63 8.79
C VAL A 80 5.27 -4.19 8.34
N ALA A 81 6.19 -3.72 7.49
CA ALA A 81 6.15 -2.34 6.99
C ALA A 81 4.86 -2.08 6.25
N TYR A 82 4.44 -3.06 5.44
CA TYR A 82 3.16 -2.92 4.77
C TYR A 82 2.01 -2.81 5.77
N MET A 83 1.98 -3.71 6.73
CA MET A 83 0.90 -3.71 7.75
C MET A 83 0.85 -2.38 8.51
N VAL A 84 2.00 -1.90 8.96
CA VAL A 84 2.04 -0.65 9.70
C VAL A 84 1.60 0.51 8.83
N GLY A 85 2.09 0.58 7.59
CA GLY A 85 1.69 1.64 6.69
C GLY A 85 0.21 1.70 6.40
N GLN A 86 -0.49 0.59 6.52
CA GLN A 86 -1.91 0.54 6.28
C GLN A 86 -2.75 0.71 7.55
N SER A 87 -2.10 0.90 8.71
CA SER A 87 -2.82 0.82 9.99
C SER A 87 -2.76 2.11 10.82
N LYS A 88 -2.54 3.24 10.12
CA LYS A 88 -2.49 4.56 10.76
C LYS A 88 -3.75 5.36 10.41
N SER B 1 -7.10 -6.38 -7.27
CA SER B 1 -6.77 -7.69 -6.63
C SER B 1 -5.57 -8.35 -7.28
N THR B 2 -5.55 -8.36 -8.62
CA THR B 2 -4.39 -8.86 -9.39
C THR B 2 -3.30 -7.77 -9.43
N TYR B 3 -3.50 -6.81 -8.56
N TYR B 3 -3.51 -6.70 -8.67
CA TYR B 3 -2.60 -5.73 -8.30
CA TYR B 3 -2.49 -5.63 -8.62
C TYR B 3 -1.18 -6.19 -7.85
C TYR B 3 -1.23 -6.15 -7.96
N ASP B 4 -0.12 -5.70 -8.51
CA ASP B 4 1.23 -6.01 -8.06
C ASP B 4 1.75 -4.69 -7.48
N ALA B 5 1.88 -4.59 -6.16
CA ALA B 5 2.23 -3.34 -5.52
C ALA B 5 3.66 -2.95 -5.86
N ALA B 6 4.58 -3.91 -5.93
CA ALA B 6 5.96 -3.56 -6.20
C ALA B 6 6.09 -2.99 -7.63
N ALA B 7 5.43 -3.62 -8.58
CA ALA B 7 5.45 -3.11 -9.96
C ALA B 7 4.73 -1.78 -10.02
N GLY B 8 3.65 -1.62 -9.26
CA GLY B 8 2.91 -0.36 -9.25
C GLY B 8 3.70 0.78 -8.68
N LYS B 9 4.39 0.57 -7.58
CA LYS B 9 5.25 1.61 -7.05
C LYS B 9 6.34 1.99 -8.04
N ALA B 10 6.95 1.00 -8.69
CA ALA B 10 8.01 1.29 -9.64
C ALA B 10 7.47 2.14 -10.78
N THR B 11 6.31 1.76 -11.32
CA THR B 11 5.69 2.54 -12.38
C THR B 11 5.36 3.96 -11.91
N TYR B 12 4.73 4.04 -10.75
CA TYR B 12 4.36 5.34 -10.19
C TYR B 12 5.60 6.24 -10.08
N ASP B 13 6.65 5.71 -9.52
CA ASP B 13 7.82 6.54 -9.26
C ASP B 13 8.39 7.06 -10.59
N ALA B 14 8.39 6.24 -11.63
CA ALA B 14 9.02 6.62 -12.87
C ALA B 14 8.16 7.52 -13.75
N SER B 15 6.85 7.36 -13.71
CA SER B 15 6.01 7.99 -14.72
C SER B 15 4.91 8.88 -14.16
N CYS B 16 4.71 8.91 -12.84
CA CYS B 16 3.54 9.53 -12.28
C CYS B 16 3.89 10.50 -11.17
N ALA B 17 4.92 10.18 -10.39
CA ALA B 17 5.29 11.00 -9.23
C ALA B 17 5.69 12.43 -9.63
N THR B 18 6.23 12.59 -10.83
CA THR B 18 6.65 13.90 -11.27
C THR B 18 5.50 14.91 -11.04
N CYS B 19 4.26 14.53 -11.33
CA CYS B 19 3.11 15.39 -11.10
C CYS B 19 2.43 15.12 -9.77
N HIS B 20 2.36 13.85 -9.30
CA HIS B 20 1.52 13.48 -8.18
C HIS B 20 2.22 13.42 -6.82
N LYS B 21 3.56 13.56 -6.80
CA LYS B 21 4.23 13.56 -5.51
C LYS B 21 3.95 14.80 -4.70
N THR B 22 3.78 15.92 -5.34
N THR B 22 3.76 15.94 -5.38
CA THR B 22 3.57 17.14 -4.62
CA THR B 22 3.56 17.27 -4.75
C THR B 22 2.31 17.88 -5.09
C THR B 22 2.19 17.84 -5.05
N GLY B 23 1.64 17.43 -6.17
CA GLY B 23 0.64 18.30 -6.87
C GLY B 23 0.60 19.88 -6.97
N MET B 24 1.69 20.63 -6.71
CA MET B 24 1.77 22.08 -7.14
C MET B 24 1.59 22.23 -8.70
N MET B 25 1.47 21.08 -9.36
N MET B 25 1.45 21.08 -9.35
N MET B 25 1.52 21.12 -9.41
CA MET B 25 1.23 20.98 -10.79
CA MET B 25 1.23 20.97 -10.78
CA MET B 25 1.19 21.20 -10.84
C MET B 25 -0.25 20.83 -11.10
C MET B 25 -0.25 20.94 -11.10
C MET B 25 -0.27 20.87 -11.11
N GLY B 26 -1.09 20.84 -10.06
CA GLY B 26 -2.48 20.64 -10.19
C GLY B 26 -3.00 19.23 -10.08
N ALA B 27 -2.14 18.21 -9.89
CA ALA B 27 -2.55 16.83 -9.75
C ALA B 27 -2.84 16.50 -8.30
N PRO B 28 -3.76 15.59 -8.02
CA PRO B 28 -4.01 15.21 -6.64
C PRO B 28 -2.80 14.51 -6.04
N LYS B 29 -2.33 15.03 -4.90
CA LYS B 29 -1.08 14.56 -4.27
C LYS B 29 -1.29 13.23 -3.61
N VAL B 30 -0.40 12.28 -3.89
CA VAL B 30 -0.49 10.97 -3.23
C VAL B 30 -0.30 11.14 -1.73
N GLY B 31 -1.16 10.50 -0.99
CA GLY B 31 -1.16 10.69 0.48
C GLY B 31 -2.09 11.76 1.02
N ASP B 32 -2.65 12.57 0.13
CA ASP B 32 -3.57 13.66 0.50
C ASP B 32 -4.97 13.06 0.55
N LYS B 33 -5.38 12.68 1.77
CA LYS B 33 -6.58 11.86 1.95
C LYS B 33 -7.80 12.62 1.48
N ALA B 34 -7.90 13.92 1.80
CA ALA B 34 -9.05 14.70 1.38
C ALA B 34 -9.16 14.81 -0.13
N ALA B 35 -8.03 14.99 -0.83
CA ALA B 35 -8.05 15.11 -2.28
C ALA B 35 -8.54 13.79 -2.90
N TRP B 36 -8.12 12.68 -2.31
CA TRP B 36 -8.38 11.37 -2.91
C TRP B 36 -9.73 10.80 -2.55
N ALA B 37 -10.35 11.23 -1.45
CA ALA B 37 -11.61 10.58 -1.03
C ALA B 37 -12.72 10.59 -2.10
N PRO B 38 -12.98 11.73 -2.76
CA PRO B 38 -14.05 11.72 -3.78
C PRO B 38 -13.60 11.02 -5.03
N ARG B 39 -12.30 10.85 -5.24
CA ARG B 39 -11.81 10.14 -6.41
C ARG B 39 -11.95 8.62 -6.17
N ILE B 40 -11.50 8.15 -4.99
CA ILE B 40 -11.64 6.77 -4.62
C ILE B 40 -13.14 6.34 -4.68
N ALA B 41 -14.04 7.25 -4.32
CA ALA B 41 -15.46 6.98 -4.32
C ALA B 41 -15.99 6.72 -5.74
N GLN B 42 -15.25 7.10 -6.77
CA GLN B 42 -15.71 6.76 -8.13
CA GLN B 42 -15.60 6.80 -8.17
C GLN B 42 -15.44 5.32 -8.48
N GLY B 43 -14.64 4.63 -7.67
CA GLY B 43 -14.28 3.24 -7.91
C GLY B 43 -13.00 3.10 -8.67
N MET B 44 -12.26 2.03 -8.39
CA MET B 44 -10.99 1.76 -9.03
CA MET B 44 -10.99 1.76 -9.03
C MET B 44 -11.16 1.63 -10.52
N ASN B 45 -12.23 1.02 -10.97
CA ASN B 45 -12.40 0.88 -12.40
C ASN B 45 -12.41 2.21 -13.14
N THR B 46 -13.15 3.17 -12.63
CA THR B 46 -13.19 4.49 -13.24
C THR B 46 -11.82 5.17 -13.13
N LEU B 47 -11.17 5.08 -11.96
CA LEU B 47 -9.85 5.69 -11.87
C LEU B 47 -8.85 5.13 -12.88
N VAL B 48 -8.83 3.82 -13.03
CA VAL B 48 -7.90 3.19 -13.97
C VAL B 48 -8.26 3.53 -15.40
N SER B 49 -9.54 3.45 -15.74
CA SER B 49 -10.03 3.81 -17.08
CA SER B 49 -9.98 3.79 -17.09
C SER B 49 -9.62 5.21 -17.48
N LYS B 50 -9.92 6.18 -16.61
CA LYS B 50 -9.58 7.57 -16.89
C LYS B 50 -8.07 7.79 -16.96
N SER B 51 -7.29 7.03 -16.18
CA SER B 51 -5.84 7.21 -16.23
C SER B 51 -5.26 6.65 -17.52
N ILE B 52 -5.84 5.57 -18.03
CA ILE B 52 -5.40 5.05 -19.30
C ILE B 52 -5.78 5.95 -20.45
N LYS B 53 -7.04 6.39 -20.47
CA LYS B 53 -7.56 7.16 -21.59
C LYS B 53 -6.94 8.55 -21.59
N GLY B 54 -6.72 9.08 -20.39
CA GLY B 54 -6.43 10.53 -20.22
C GLY B 54 -7.72 11.30 -20.20
N TYR B 55 -7.72 12.43 -19.47
CA TYR B 55 -8.88 13.30 -19.44
C TYR B 55 -8.47 14.67 -18.93
N LYS B 56 -9.26 15.68 -19.28
CA LYS B 56 -9.09 17.00 -18.70
C LYS B 56 -10.17 17.21 -17.64
N GLY B 57 -9.77 17.48 -16.42
CA GLY B 57 -10.70 17.68 -15.34
C GLY B 57 -10.68 19.10 -14.83
N THR B 58 -11.32 19.33 -13.69
CA THR B 58 -11.37 20.68 -13.13
CA THR B 58 -11.39 20.63 -13.08
C THR B 58 -9.98 21.23 -12.79
N LYS B 59 -9.04 20.34 -12.42
CA LYS B 59 -7.73 20.74 -11.91
C LYS B 59 -6.63 20.70 -12.91
N GLY B 60 -6.82 19.93 -13.97
CA GLY B 60 -5.86 19.96 -15.06
C GLY B 60 -5.96 18.77 -16.00
N MET B 61 -4.96 18.61 -16.84
CA MET B 61 -4.91 17.52 -17.81
C MET B 61 -4.24 16.37 -17.13
N MET B 62 -4.94 15.24 -17.07
CA MET B 62 -4.34 13.99 -16.69
C MET B 62 -4.03 13.24 -17.98
N PRO B 63 -2.76 13.28 -18.41
CA PRO B 63 -2.47 12.73 -19.73
C PRO B 63 -2.66 11.22 -19.80
N ALA B 64 -3.06 10.73 -20.97
CA ALA B 64 -3.22 9.29 -21.21
C ALA B 64 -1.97 8.51 -20.74
N LYS B 65 -2.18 7.52 -19.89
CA LYS B 65 -1.08 6.74 -19.35
C LYS B 65 0.00 7.60 -18.71
N GLY B 66 -0.40 8.73 -18.12
CA GLY B 66 0.58 9.65 -17.52
C GLY B 66 1.54 10.27 -18.52
N GLY B 67 1.24 10.14 -19.80
CA GLY B 67 2.12 10.67 -20.83
C GLY B 67 3.16 9.66 -21.28
N ASN B 68 3.09 8.45 -20.75
CA ASN B 68 3.99 7.37 -21.14
C ASN B 68 3.24 6.29 -21.94
N ALA B 69 3.24 6.44 -23.25
CA ALA B 69 2.44 5.60 -24.12
C ALA B 69 2.91 4.16 -24.16
N LYS B 70 4.11 3.88 -23.68
CA LYS B 70 4.62 2.53 -23.64
C LYS B 70 4.06 1.67 -22.51
N LEU B 71 3.42 2.30 -21.52
CA LEU B 71 2.84 1.51 -20.41
C LEU B 71 1.65 0.70 -20.91
N THR B 72 1.51 -0.52 -20.40
CA THR B 72 0.29 -1.32 -20.66
C THR B 72 -0.85 -0.87 -19.73
N ASP B 73 -2.06 -1.30 -20.07
CA ASP B 73 -3.21 -1.04 -19.17
C ASP B 73 -2.92 -1.55 -17.74
N ALA B 74 -2.34 -2.75 -17.61
CA ALA B 74 -2.11 -3.37 -16.33
C ALA B 74 -1.06 -2.61 -15.58
N GLN B 75 -0.06 -2.06 -16.25
CA GLN B 75 0.93 -1.26 -15.55
C GLN B 75 0.34 0.03 -15.02
N VAL B 76 -0.47 0.70 -15.82
CA VAL B 76 -1.16 1.89 -15.31
C VAL B 76 -2.06 1.51 -14.15
N GLY B 77 -2.81 0.43 -14.26
CA GLY B 77 -3.66 -0.02 -13.15
C GLY B 77 -2.89 -0.29 -11.87
N ASN B 78 -1.74 -0.93 -11.98
CA ASN B 78 -0.93 -1.15 -10.77
C ASN B 78 -0.52 0.17 -10.14
N ALA B 79 -0.13 1.13 -10.94
CA ALA B 79 0.27 2.45 -10.42
C ALA B 79 -0.89 3.17 -9.74
N VAL B 80 -2.07 3.11 -10.35
CA VAL B 80 -3.25 3.70 -9.75
C VAL B 80 -3.57 3.04 -8.41
N ALA B 81 -3.53 1.71 -8.38
CA ALA B 81 -3.83 1.00 -7.14
C ALA B 81 -2.82 1.37 -6.06
N TYR B 82 -1.54 1.54 -6.43
CA TYR B 82 -0.54 1.96 -5.47
C TYR B 82 -0.86 3.37 -4.92
N MET B 83 -1.21 4.29 -5.83
CA MET B 83 -1.54 5.64 -5.43
C MET B 83 -2.72 5.65 -4.48
N VAL B 84 -3.76 4.88 -4.81
CA VAL B 84 -4.93 4.80 -3.94
C VAL B 84 -4.58 4.19 -2.58
N GLY B 85 -3.76 3.14 -2.58
CA GLY B 85 -3.39 2.46 -1.36
C GLY B 85 -2.59 3.31 -0.42
N GLN B 86 -1.91 4.31 -0.95
CA GLN B 86 -1.19 5.28 -0.15
C GLN B 86 -2.02 6.45 0.32
N SER B 87 -3.25 6.58 -0.18
CA SER B 87 -4.04 7.78 0.03
C SER B 87 -5.28 7.56 0.90
N LYS B 88 -5.20 6.58 1.87
CA LYS B 88 -6.27 6.20 2.89
C LYS B 88 -5.76 6.32 4.35
S SO4 C . 12.64 2.04 15.00
O1 SO4 C . 13.33 0.85 14.47
O2 SO4 C . 13.51 3.21 14.79
O3 SO4 C . 11.38 2.27 14.20
O4 SO4 C . 12.45 1.67 16.43
C1 IPA D . 19.57 -8.06 7.67
C2 IPA D . 19.00 -8.97 6.58
C3 IPA D . 18.08 -8.18 5.64
O2 IPA D . 18.33 -10.13 7.14
C1 IPA E . -7.87 -2.13 4.26
C2 IPA E . -6.63 -1.59 4.98
C3 IPA E . -6.75 -0.08 5.22
O2 IPA E . -5.47 -1.90 4.19
C1 IPA F . -17.34 -9.62 10.87
C2 IPA F . -15.98 -9.00 10.70
C3 IPA F . -15.83 -8.37 9.32
O2 IPA F . -14.89 -9.94 10.90
C1 IPA G . 16.58 -18.52 3.67
C2 IPA G . 15.07 -18.57 3.80
C3 IPA G . 14.62 -18.75 5.26
O2 IPA G . 14.51 -19.62 2.97
NA NA H . 14.89 1.65 16.11
FE HEB I . 1.07 -11.69 13.34
CHA HEB I . 0.93 -9.80 16.16
CHB HEB I . 3.19 -9.41 11.91
CHC HEB I . 1.35 -13.65 10.59
CHD HEB I . -1.25 -13.82 14.63
NA HEB I . 1.91 -9.96 13.93
C1A HEB I . 1.71 -9.31 15.15
C2A HEB I . 2.44 -8.07 15.13
C3A HEB I . 3.03 -7.96 13.95
C4A HEB I . 2.72 -9.14 13.19
CMA HEB I . 3.92 -6.83 13.44
CAA HEB I . 2.44 -7.07 16.29
CBA HEB I . 3.74 -7.15 17.10
CGA HEB I . 3.77 -6.26 18.30
O1A HEB I . 2.75 -5.61 18.68
O2A HEB I . 4.86 -6.25 18.95
NB HEB I . 2.05 -11.55 11.59
C1B HEB I . 2.92 -10.54 11.19
C2B HEB I . 3.52 -10.88 9.93
C3B HEB I . 2.99 -12.05 9.55
C4B HEB I . 2.09 -12.51 10.57
CMB HEB I . 4.47 -9.96 9.23
CAB HEB I . 3.25 -12.87 8.31
CBB HEB I . 4.74 -13.13 8.05
NC HEB I . 0.18 -13.37 12.73
C1C HEB I . 0.46 -14.05 11.57
C2C HEB I . -0.34 -15.25 11.49
C3C HEB I . -1.11 -15.26 12.58
C4C HEB I . -0.77 -14.14 13.39
CMC HEB I . -0.34 -16.18 10.28
CAC HEB I . -2.19 -16.26 12.98
CBC HEB I . -1.77 -17.72 13.08
ND HEB I . 0.05 -11.79 15.08
C1D HEB I . -0.87 -12.77 15.42
C2D HEB I . -1.42 -12.51 16.70
C3D HEB I . -0.77 -11.31 17.17
C4D HEB I . 0.13 -10.90 16.12
CMD HEB I . -2.45 -13.30 17.47
CAD HEB I . -1.01 -10.57 18.48
CBD HEB I . -0.17 -11.13 19.66
CGD HEB I . -0.43 -10.35 20.89
O1D HEB I . -0.12 -9.15 20.89
O2D HEB I . -0.98 -10.87 21.84
C1 IPA J . 3.47 18.89 -1.43
C2 IPA J . 3.31 20.32 -1.91
C3 IPA J . 3.73 21.34 -0.88
O2 IPA J . 1.97 20.49 -2.31
C1 IPA K . 3.81 9.73 0.56
C2 IPA K . 2.61 8.82 0.47
C3 IPA K . 1.72 8.91 1.71
O2 IPA K . 3.08 7.47 0.35
C1 IPA L . 6.01 20.08 -10.40
C2 IPA L . 5.03 18.94 -10.68
C3 IPA L . 4.58 18.98 -12.14
O2 IPA L . 3.94 18.97 -9.72
FE HEB M . -2.43 11.75 -13.01
CHA HEB M . -5.54 12.77 -11.92
CHB HEB M . -3.15 8.55 -12.04
CHC HEB M . 0.58 10.69 -14.22
CHD HEB M . -1.61 14.93 -13.79
NA HEB M . -4.04 10.86 -12.19
C1A HEB M . -5.24 11.43 -11.78
C2A HEB M . -6.08 10.44 -11.17
C3A HEB M . -5.41 9.26 -11.18
C4A HEB M . -4.11 9.52 -11.81
CMA HEB M . -5.85 7.91 -10.64
CAA HEB M . -7.50 10.74 -10.62
CBA HEB M . -8.56 10.27 -11.61
CGA HEB M . -9.95 10.59 -11.19
O1A HEB M . -10.20 11.24 -10.17
O2A HEB M . -10.87 10.08 -11.89
NB HEB M . -1.49 9.99 -13.12
C1B HEB M . -1.95 8.78 -12.71
C2B HEB M . -1.01 7.74 -13.04
C3B HEB M . 0.04 8.34 -13.65
C4B HEB M . -0.25 9.75 -13.69
CMB HEB M . -1.17 6.27 -12.66
CAB HEB M . 1.33 7.69 -14.16
CBB HEB M . 1.07 6.56 -15.19
NC HEB M . -0.82 12.66 -13.84
C1C HEB M . 0.34 12.05 -14.23
C2C HEB M . 1.23 13.03 -14.71
C3C HEB M . 0.63 14.22 -14.60
C4C HEB M . -0.67 14.00 -14.04
CMC HEB M . 2.65 12.73 -15.19
CAC HEB M . 1.15 15.63 -14.94
CBC HEB M . 1.61 15.83 -16.40
ND HEB M . -3.40 13.52 -12.89
C1D HEB M . -2.85 14.72 -13.28
C2D HEB M . -3.80 15.79 -13.03
C3D HEB M . -5.01 15.16 -12.46
C4D HEB M . -4.70 13.74 -12.40
CMD HEB M . -3.62 17.27 -13.30
CAD HEB M . -6.28 15.87 -12.00
CBD HEB M . -7.28 15.99 -13.14
CGD HEB M . -8.58 16.40 -12.53
O1D HEB M . -9.30 15.52 -12.01
O2D HEB M . -8.91 17.59 -12.66
#